data_6UEY
#
_entry.id   6UEY
#
_cell.length_a   91.829
_cell.length_b   91.829
_cell.length_c   123.444
_cell.angle_alpha   90.000
_cell.angle_beta   90.000
_cell.angle_gamma   90.000
#
_symmetry.space_group_name_H-M   'P 42 21 2'
#
loop_
_entity.id
_entity.type
_entity.pdbx_description
1 polymer 'RNA (50-MER)'
2 polymer "RNA (5'-R(*UP*CP*UP*GP*CP*UP*CP*UP*CP*(GVA)*UP*CP*CP*AP*A)-3')"
3 non-polymer 'MAGNESIUM ION'
#
loop_
_entity_poly.entity_id
_entity_poly.type
_entity_poly.pdbx_seq_one_letter_code
_entity_poly.pdbx_strand_id
1 'polyribonucleotide' ACUCGUUUGAGCGAGUAUAAACAGUUGGUUAGGCUCAAAGCGGAGAGCAG A,C
2 'polyribonucleotide' UCUGCUCUC(Q61)UCCAA B,D
#
loop_
_chem_comp.id
_chem_comp.type
_chem_comp.name
_chem_comp.formula
A RNA linking ADENOSINE-5'-MONOPHOSPHATE 'C10 H14 N5 O7 P'
C RNA linking CYTIDINE-5'-MONOPHOSPHATE 'C9 H14 N3 O8 P'
G RNA linking GUANOSINE-5'-MONOPHOSPHATE 'C10 H14 N5 O8 P'
MG non-polymer 'MAGNESIUM ION' 'Mg 2'
Q61 non-polymer guanosine-5'-monophosphate-2',3'-vanadate 'C10 H12 N5 O10 P V'
U RNA linking URIDINE-5'-MONOPHOSPHATE 'C9 H13 N2 O9 P'
#
# COMPACT_ATOMS: atom_id res chain seq x y z
C1' Q61 B 10 -25.03 -11.95 -17.37
C2 Q61 B 10 -27.29 -8.29 -18.00
C2' Q61 B 10 -24.23 -12.15 -16.07
C3' Q61 B 10 -23.46 -13.46 -16.27
C4 Q61 B 10 -27.10 -10.54 -17.39
C4' Q61 B 10 -23.96 -14.05 -17.59
C5 Q61 B 10 -28.50 -10.70 -17.04
C5' Q61 B 10 -24.80 -15.30 -17.45
C6 Q61 B 10 -29.41 -9.53 -17.19
C8 Q61 B 10 -27.54 -12.68 -16.67
N1 Q61 B 10 -28.71 -8.34 -17.68
N2 Q61 B 10 -26.74 -7.10 -18.43
N3 Q61 B 10 -26.44 -9.36 -17.86
N7 Q61 B 10 -28.77 -12.05 -16.60
N9 Q61 B 10 -26.47 -11.84 -17.16
O1V Q61 B 10 -21.03 -11.05 -14.25
O2' Q61 B 10 -23.44 -11.02 -15.75
O2V Q61 B 10 -21.04 -9.98 -16.53
O3' Q61 B 10 -22.07 -13.16 -16.35
O4' Q61 B 10 -24.74 -13.02 -18.25
O5' Q61 B 10 -26.03 -15.04 -16.79
O6 Q61 B 10 -30.69 -9.51 -16.93
OP1 Q61 B 10 -26.34 -17.48 -16.05
OP2 Q61 B 10 -28.24 -15.62 -15.58
P Q61 B 10 -27.11 -16.20 -16.49
V Q61 B 10 -21.47 -11.35 -15.79
C1' Q61 D 10 25.52 9.66 15.65
C2 Q61 D 10 23.38 11.43 19.09
C2' Q61 D 10 25.16 9.90 14.18
C3' Q61 D 10 26.07 8.97 13.38
C4 Q61 D 10 25.08 11.36 17.48
C4' Q61 D 10 27.06 8.41 14.38
C5 Q61 D 10 25.69 12.59 17.92
C5' Q61 D 10 28.48 8.89 14.22
C6 Q61 D 10 25.10 13.33 19.05
C8 Q61 D 10 26.92 11.87 16.19
N1 Q61 D 10 23.91 12.67 19.60
N2 Q61 D 10 22.25 10.93 19.73
N3 Q61 D 10 23.93 10.73 18.03
N7 Q61 D 10 26.85 12.90 17.09
N9 Q61 D 10 25.88 10.88 16.37
O1V Q61 D 10 22.45 8.44 11.68
O2' Q61 D 10 23.76 9.75 13.94
O2V Q61 D 10 22.11 7.64 13.99
O3' Q61 D 10 25.28 7.91 12.88
O4' Q61 D 10 26.58 8.73 15.71
O5' Q61 D 10 28.59 10.28 14.50
O6 Q61 D 10 25.51 14.45 19.57
OP1 Q61 D 10 30.74 10.52 13.12
OP2 Q61 D 10 29.68 12.59 14.50
P Q61 D 10 29.97 11.05 14.36
V Q61 D 10 23.32 8.05 13.00
MG MG E . -18.28 -8.91 -15.16
MG MG F . -23.10 -11.99 -9.99
MG MG G . -14.49 -0.75 -3.99
MG MG H . -18.22 5.57 -10.09
MG MG I . 19.39 5.86 12.16
MG MG J . 22.34 12.80 9.58
MG MG K . 20.19 10.64 25.14
MG MG L . 5.33 11.73 14.47
MG MG M . 8.20 11.86 5.77
#